data_4XWU
#
_entry.id   4XWU
#
_cell.length_a   106.787
_cell.length_b   106.787
_cell.length_c   69.681
_cell.angle_alpha   90.00
_cell.angle_beta   90.00
_cell.angle_gamma   90.00
#
_symmetry.space_group_name_H-M   'I 4'
#
loop_
_entity.id
_entity.type
_entity.pdbx_description
1 polymer "Inosine-5'-monophosphate dehydrogenase,Inosine-5'-monophosphate dehydrogenase"
2 water water
#
_entity_poly.entity_id   1
_entity_poly.type   'polypeptide(L)'
_entity_poly.pdbx_seq_one_letter_code
;GSHMTYRDAATALEHLATYAEKDGLSVEQLMDSKTRGGLTYNDFLVLPGKIDFPSSEVVLSSRLTKKITLNAPFVSSPMD
TVTEADMAIHMALLGGIGIIHHNCTAEEQAEMVRRVKKYENGSQDGPLASKSADTKQLLCGAAIGTIDADRQRLAMLVEA
GLDVVVLDSSQGNSVFQINMIKWIKETFPDLQVIAGNVVTREQAASLIHAGADGLRIGMGSGSICITQEVMACGRPQGTA
VYNVTQFANQFGVPCIADGGVQNIGHITKAIALGASTVMMGGMLAGTTESPGEYFFRDGKRLKTYRGMGSIDAMQKTDVK
GNAATSRYFSESDKVLVAQGVTGSVIDKGSIKKYIPYLYNGLQHSCQDIGVRSLVEFREKVDSGSVRFEFRTPSAQLEGG
VHNLHSYEKRLFD
;
_entity_poly.pdbx_strand_id   A
#
# COMPACT_ATOMS: atom_id res chain seq x y z
N THR A 5 -10.90 -41.91 -29.50
CA THR A 5 -9.98 -40.92 -30.07
C THR A 5 -9.84 -39.71 -29.14
N TYR A 6 -10.62 -38.67 -29.40
CA TYR A 6 -10.61 -37.45 -28.60
C TYR A 6 -11.32 -37.66 -27.26
N ARG A 7 -10.87 -36.95 -26.24
CA ARG A 7 -11.47 -37.03 -24.91
C ARG A 7 -12.84 -36.37 -24.88
N ASP A 8 -13.70 -36.86 -24.00
CA ASP A 8 -15.04 -36.33 -23.85
C ASP A 8 -15.01 -34.95 -23.18
N ALA A 9 -15.80 -34.02 -23.70
CA ALA A 9 -15.87 -32.66 -23.18
C ALA A 9 -16.37 -32.65 -21.75
N ALA A 10 -17.23 -33.60 -21.44
CA ALA A 10 -17.81 -33.71 -20.11
C ALA A 10 -16.75 -33.97 -19.04
N THR A 11 -15.63 -34.54 -19.44
CA THR A 11 -14.55 -34.86 -18.50
C THR A 11 -13.51 -33.75 -18.35
N ALA A 12 -13.72 -32.61 -19.01
CA ALA A 12 -12.70 -31.56 -19.08
C ALA A 12 -12.29 -31.00 -17.71
N LEU A 13 -13.25 -30.80 -16.81
CA LEU A 13 -12.90 -30.25 -15.50
C LEU A 13 -12.14 -31.30 -14.69
N GLU A 14 -12.51 -32.56 -14.84
CA GLU A 14 -11.84 -33.65 -14.14
C GLU A 14 -10.42 -33.93 -14.67
N HIS A 15 -10.19 -33.67 -15.95
CA HIS A 15 -8.91 -34.01 -16.57
C HIS A 15 -7.80 -33.09 -16.07
N LEU A 16 -8.16 -31.97 -15.46
CA LEU A 16 -7.18 -31.06 -14.90
C LEU A 16 -6.35 -31.74 -13.81
N ALA A 17 -6.80 -32.92 -13.36
CA ALA A 17 -6.12 -33.65 -12.30
C ALA A 17 -4.95 -34.52 -12.78
N THR A 18 -4.83 -34.74 -14.09
CA THR A 18 -3.66 -35.47 -14.60
C THR A 18 -2.43 -34.57 -14.61
N TYR A 19 -2.60 -33.30 -14.26
CA TYR A 19 -1.48 -32.34 -14.22
C TYR A 19 -0.97 -32.16 -12.79
N ALA A 20 0.35 -32.10 -12.64
CA ALA A 20 0.99 -32.01 -11.33
C ALA A 20 0.71 -30.68 -10.64
N GLU A 21 0.58 -29.62 -11.41
CA GLU A 21 0.19 -28.33 -10.84
C GLU A 21 -0.60 -27.50 -11.81
N LYS A 22 -1.22 -26.47 -11.24
CA LYS A 22 -1.97 -25.50 -11.98
C LYS A 22 -1.10 -24.84 -13.05
N ASP A 23 -1.74 -24.40 -14.12
CA ASP A 23 -1.04 -23.69 -15.19
C ASP A 23 -0.45 -22.39 -14.65
N GLY A 24 0.72 -21.99 -15.15
CA GLY A 24 1.37 -20.80 -14.66
C GLY A 24 2.15 -21.08 -13.37
N LEU A 25 2.69 -20.01 -12.79
CA LEU A 25 3.50 -20.10 -11.59
C LEU A 25 2.78 -19.63 -10.33
N SER A 26 3.08 -20.25 -9.20
CA SER A 26 2.72 -19.70 -7.91
C SER A 26 3.59 -18.48 -7.62
N VAL A 27 3.17 -17.64 -6.68
CA VAL A 27 3.94 -16.45 -6.36
C VAL A 27 5.32 -16.86 -5.83
N GLU A 28 5.39 -17.98 -5.10
CA GLU A 28 6.67 -18.42 -4.56
C GLU A 28 7.61 -18.85 -5.67
N GLN A 29 7.05 -19.48 -6.71
CA GLN A 29 7.82 -19.89 -7.87
C GLN A 29 8.28 -18.69 -8.69
N LEU A 30 7.40 -17.70 -8.82
CA LEU A 30 7.73 -16.48 -9.55
C LEU A 30 8.88 -15.72 -8.89
N MET A 31 8.78 -15.55 -7.58
CA MET A 31 9.66 -14.62 -6.87
C MET A 31 10.89 -15.34 -6.30
N ASP A 32 11.60 -16.01 -7.20
CA ASP A 32 12.80 -16.77 -6.83
C ASP A 32 14.05 -15.97 -7.16
N SER A 33 14.73 -15.47 -6.12
CA SER A 33 15.92 -14.65 -6.29
C SER A 33 17.07 -15.43 -6.92
N LYS A 34 17.02 -16.75 -6.80
CA LYS A 34 18.10 -17.60 -7.29
C LYS A 34 17.98 -17.84 -8.79
N THR A 35 16.76 -18.04 -9.28
CA THR A 35 16.57 -18.33 -10.70
C THR A 35 16.23 -17.09 -11.50
N ARG A 36 15.13 -16.43 -11.17
CA ARG A 36 14.66 -15.30 -11.97
C ARG A 36 15.36 -14.01 -11.59
N GLY A 37 15.79 -13.90 -10.34
CA GLY A 37 16.43 -12.68 -9.87
C GLY A 37 15.39 -11.69 -9.38
N GLY A 38 15.79 -10.43 -9.27
CA GLY A 38 14.93 -9.38 -8.77
C GLY A 38 14.02 -8.84 -9.84
N LEU A 39 12.73 -8.80 -9.52
CA LEU A 39 11.67 -8.47 -10.46
C LEU A 39 11.00 -7.15 -10.14
N THR A 40 10.57 -6.47 -11.18
CA THR A 40 9.71 -5.30 -11.08
C THR A 40 8.34 -5.72 -11.58
N TYR A 41 7.36 -4.86 -11.40
CA TYR A 41 5.99 -5.17 -11.84
C TYR A 41 5.93 -5.43 -13.34
N ASN A 42 6.76 -4.74 -14.12
CA ASN A 42 6.71 -4.92 -15.58
C ASN A 42 7.22 -6.29 -16.05
N ASP A 43 7.84 -7.04 -15.13
CA ASP A 43 8.46 -8.34 -15.46
C ASP A 43 7.50 -9.53 -15.39
N PHE A 44 6.26 -9.31 -15.00
CA PHE A 44 5.30 -10.40 -14.92
C PHE A 44 3.86 -9.97 -15.12
N LEU A 45 3.01 -10.97 -15.33
CA LEU A 45 1.56 -10.79 -15.46
C LEU A 45 0.85 -11.70 -14.47
N VAL A 46 -0.34 -11.31 -14.06
CA VAL A 46 -1.21 -12.15 -13.25
C VAL A 46 -2.14 -12.88 -14.22
N LEU A 47 -2.30 -14.19 -14.07
CA LEU A 47 -3.16 -14.94 -14.99
C LEU A 47 -4.64 -14.79 -14.61
N PRO A 48 -5.52 -14.71 -15.61
CA PRO A 48 -6.96 -14.63 -15.31
C PRO A 48 -7.52 -15.91 -14.74
N GLY A 49 -8.63 -15.81 -14.03
CA GLY A 49 -9.28 -16.97 -13.43
C GLY A 49 -10.69 -17.12 -13.95
N LYS A 50 -11.65 -17.29 -13.04
CA LYS A 50 -13.06 -17.49 -13.39
C LYS A 50 -13.92 -16.35 -12.84
N ILE A 51 -14.68 -15.73 -13.72
CA ILE A 51 -15.57 -14.63 -13.38
C ILE A 51 -16.95 -15.16 -13.00
N ASP A 52 -17.34 -14.95 -11.74
CA ASP A 52 -18.65 -15.44 -11.26
C ASP A 52 -19.45 -14.30 -10.62
N PHE A 53 -19.01 -13.07 -10.79
CA PHE A 53 -19.64 -11.91 -10.17
C PHE A 53 -19.37 -10.64 -10.98
N PRO A 54 -20.20 -9.61 -10.81
CA PRO A 54 -19.92 -8.31 -11.44
C PRO A 54 -18.83 -7.56 -10.69
N SER A 55 -18.07 -6.72 -11.39
CA SER A 55 -16.95 -6.02 -10.79
C SER A 55 -17.42 -5.08 -9.69
N SER A 56 -18.64 -4.59 -9.82
CA SER A 56 -19.22 -3.67 -8.85
C SER A 56 -19.29 -4.28 -7.45
N GLU A 57 -19.30 -5.61 -7.36
CA GLU A 57 -19.38 -6.30 -6.08
C GLU A 57 -18.03 -6.37 -5.37
N VAL A 58 -16.96 -6.09 -6.08
CA VAL A 58 -15.62 -6.25 -5.53
C VAL A 58 -15.37 -5.23 -4.41
N VAL A 59 -14.99 -5.73 -3.24
CA VAL A 59 -14.69 -4.90 -2.08
C VAL A 59 -13.19 -4.61 -2.04
N LEU A 60 -12.83 -3.34 -1.83
CA LEU A 60 -11.42 -2.95 -1.86
C LEU A 60 -10.91 -2.45 -0.51
N SER A 61 -11.60 -2.79 0.57
CA SER A 61 -11.15 -2.42 1.91
C SER A 61 -9.72 -2.93 2.14
N SER A 62 -8.92 -2.07 2.74
CA SER A 62 -7.47 -2.27 2.82
C SER A 62 -6.93 -1.79 4.15
N ARG A 63 -6.10 -2.59 4.79
CA ARG A 63 -5.48 -2.20 6.06
C ARG A 63 -4.31 -1.26 5.83
N LEU A 64 -4.41 -0.06 6.40
CA LEU A 64 -3.32 0.92 6.34
C LEU A 64 -2.30 0.64 7.45
N THR A 65 -2.81 0.38 8.64
CA THR A 65 -1.99 0.01 9.79
C THR A 65 -2.73 -1.04 10.58
N LYS A 66 -2.14 -1.51 11.68
CA LYS A 66 -2.79 -2.50 12.52
C LYS A 66 -4.22 -2.11 12.88
N LYS A 67 -4.46 -0.83 13.19
CA LYS A 67 -5.79 -0.39 13.64
C LYS A 67 -6.61 0.44 12.63
N ILE A 68 -6.00 0.89 11.53
CA ILE A 68 -6.71 1.71 10.55
C ILE A 68 -6.95 0.96 9.24
N THR A 69 -8.22 0.91 8.85
CA THR A 69 -8.65 0.30 7.59
C THR A 69 -9.33 1.33 6.69
N LEU A 70 -8.92 1.35 5.43
CA LEU A 70 -9.49 2.25 4.43
C LEU A 70 -10.44 1.51 3.51
N ASN A 71 -11.33 2.22 2.85
CA ASN A 71 -12.22 1.62 1.86
C ASN A 71 -11.56 1.44 0.50
N ALA A 72 -10.41 2.06 0.30
CA ALA A 72 -9.62 1.85 -0.91
C ALA A 72 -8.13 1.91 -0.59
N PRO A 73 -7.31 1.18 -1.36
CA PRO A 73 -5.89 1.06 -1.02
C PRO A 73 -5.02 2.22 -1.52
N PHE A 74 -5.61 3.40 -1.69
CA PHE A 74 -4.87 4.52 -2.29
C PHE A 74 -4.39 5.51 -1.25
N VAL A 75 -3.08 5.73 -1.24
CA VAL A 75 -2.45 6.65 -0.30
C VAL A 75 -1.62 7.68 -1.05
N SER A 76 -1.84 8.96 -0.77
CA SER A 76 -1.06 10.00 -1.43
C SER A 76 0.26 10.20 -0.70
N SER A 77 1.33 10.27 -1.47
CA SER A 77 2.69 10.41 -0.94
C SER A 77 2.99 11.75 -0.28
N PRO A 78 3.83 11.72 0.74
CA PRO A 78 4.23 12.96 1.43
C PRO A 78 5.30 13.71 0.64
N MET A 79 4.90 14.25 -0.50
CA MET A 79 5.77 15.05 -1.36
C MET A 79 5.17 16.43 -1.49
N ASP A 80 6.00 17.47 -1.45
CA ASP A 80 5.47 18.84 -1.46
C ASP A 80 4.87 19.19 -2.83
N THR A 81 5.01 18.27 -3.77
CA THR A 81 4.42 18.44 -5.08
C THR A 81 3.13 17.61 -5.17
N VAL A 82 2.81 16.87 -4.11
CA VAL A 82 1.63 16.02 -4.14
C VAL A 82 0.58 16.18 -3.03
N THR A 83 1.00 16.13 -1.77
CA THR A 83 0.04 16.20 -0.67
C THR A 83 0.12 17.36 0.32
N GLU A 84 -1.00 18.06 0.39
CA GLU A 84 -1.23 19.18 1.29
C GLU A 84 -2.66 18.98 1.78
N ALA A 85 -3.26 19.96 2.45
CA ALA A 85 -4.61 19.76 2.98
C ALA A 85 -5.64 19.43 1.90
N ASP A 86 -5.59 20.12 0.77
CA ASP A 86 -6.53 19.86 -0.33
C ASP A 86 -6.49 18.39 -0.77
N MET A 87 -5.29 17.90 -1.06
CA MET A 87 -5.12 16.51 -1.46
C MET A 87 -5.61 15.55 -0.37
N ALA A 88 -5.24 15.81 0.87
CA ALA A 88 -5.54 14.91 1.97
C ALA A 88 -7.05 14.85 2.24
N ILE A 89 -7.71 16.00 2.19
CA ILE A 89 -9.15 16.04 2.35
C ILE A 89 -9.82 15.20 1.28
N HIS A 90 -9.47 15.45 0.03
CA HIS A 90 -10.14 14.78 -1.08
C HIS A 90 -9.80 13.30 -1.19
N MET A 91 -8.60 12.89 -0.78
CA MET A 91 -8.27 11.47 -0.76
C MET A 91 -9.11 10.74 0.28
N ALA A 92 -9.30 11.37 1.44
CA ALA A 92 -10.09 10.77 2.51
C ALA A 92 -11.57 10.69 2.13
N LEU A 93 -12.09 11.70 1.43
CA LEU A 93 -13.48 11.69 1.01
C LEU A 93 -13.74 10.54 0.05
N LEU A 94 -12.69 10.15 -0.67
CA LEU A 94 -12.78 9.11 -1.70
C LEU A 94 -12.42 7.73 -1.19
N GLY A 95 -12.13 7.62 0.11
CA GLY A 95 -11.93 6.33 0.75
C GLY A 95 -10.49 5.90 0.96
N GLY A 96 -9.55 6.74 0.54
CA GLY A 96 -8.15 6.53 0.82
C GLY A 96 -7.67 7.47 1.90
N ILE A 97 -6.41 7.88 1.81
CA ILE A 97 -5.84 8.78 2.80
C ILE A 97 -4.68 9.57 2.20
N GLY A 98 -4.34 10.68 2.84
CA GLY A 98 -3.25 11.50 2.37
C GLY A 98 -2.21 11.66 3.46
N ILE A 99 -0.94 11.56 3.09
CA ILE A 99 0.12 11.73 4.04
C ILE A 99 0.70 13.11 3.73
N ILE A 100 0.50 14.05 4.64
CA ILE A 100 0.96 15.42 4.40
C ILE A 100 2.48 15.49 4.53
N HIS A 101 3.10 16.19 3.58
CA HIS A 101 4.56 16.29 3.51
C HIS A 101 5.12 17.16 4.63
N HIS A 102 6.42 17.06 4.87
CA HIS A 102 7.06 17.87 5.93
C HIS A 102 8.18 18.78 5.43
N ASN A 103 8.18 19.11 4.15
CA ASN A 103 9.06 20.17 3.66
C ASN A 103 8.42 21.52 3.95
N CYS A 104 8.25 21.78 5.24
CA CYS A 104 7.56 22.97 5.72
C CYS A 104 7.83 23.07 7.21
N THR A 105 7.54 24.22 7.80
CA THR A 105 7.69 24.38 9.23
C THR A 105 6.71 23.44 9.92
N ALA A 106 7.02 23.07 11.16
CA ALA A 106 6.13 22.25 11.95
C ALA A 106 4.77 22.93 12.11
N GLU A 107 4.77 24.26 12.27
CA GLU A 107 3.51 24.98 12.45
C GLU A 107 2.67 24.87 11.18
N GLU A 108 3.31 25.09 10.03
CA GLU A 108 2.60 24.97 8.75
C GLU A 108 2.03 23.57 8.57
N GLN A 109 2.81 22.54 8.92
CA GLN A 109 2.32 21.17 8.76
C GLN A 109 1.13 20.88 9.66
N ALA A 110 1.18 21.34 10.90
CA ALA A 110 0.09 21.13 11.83
C ALA A 110 -1.18 21.83 11.35
N GLU A 111 -1.04 23.01 10.74
CA GLU A 111 -2.21 23.73 10.27
C GLU A 111 -2.86 22.99 9.10
N MET A 112 -2.04 22.30 8.31
CA MET A 112 -2.59 21.52 7.19
C MET A 112 -3.38 20.33 7.74
N VAL A 113 -2.83 19.68 8.75
CA VAL A 113 -3.54 18.58 9.42
C VAL A 113 -4.85 19.10 10.01
N ARG A 114 -4.76 20.21 10.71
CA ARG A 114 -5.93 20.83 11.35
C ARG A 114 -7.01 21.12 10.32
N ARG A 115 -6.62 21.59 9.14
CA ARG A 115 -7.56 21.83 8.05
C ARG A 115 -8.30 20.55 7.64
N VAL A 116 -7.57 19.44 7.56
CA VAL A 116 -8.18 18.18 7.19
C VAL A 116 -9.16 17.74 8.27
N LYS A 117 -8.71 17.81 9.51
CA LYS A 117 -9.46 17.26 10.62
C LYS A 117 -10.69 18.13 10.95
N LYS A 118 -10.64 19.40 10.58
CA LYS A 118 -11.74 20.32 10.86
C LYS A 118 -12.76 20.34 9.72
N TYR A 119 -12.45 19.65 8.62
CA TYR A 119 -13.30 19.68 7.44
C TYR A 119 -14.68 19.07 7.72
N GLU A 120 -15.72 19.72 7.22
CA GLU A 120 -17.10 19.28 7.44
C GLU A 120 -17.86 19.21 6.13
N PRO A 127 -19.71 8.14 2.52
CA PRO A 127 -20.01 6.74 2.17
C PRO A 127 -18.75 5.88 2.15
N LEU A 128 -17.89 6.07 1.15
CA LEU A 128 -16.57 5.44 1.17
C LEU A 128 -15.61 6.25 2.04
N ALA A 129 -16.04 7.43 2.48
CA ALA A 129 -15.18 8.37 3.20
C ALA A 129 -14.40 7.80 4.40
N SER A 130 -13.09 8.06 4.43
CA SER A 130 -12.24 7.62 5.51
C SER A 130 -12.34 8.55 6.72
N LYS A 131 -12.95 8.06 7.80
CA LYS A 131 -13.19 8.88 9.00
C LYS A 131 -12.69 8.18 10.25
N SER A 132 -12.32 8.96 11.28
CA SER A 132 -11.79 8.40 12.52
C SER A 132 -12.91 7.85 13.41
N THR A 135 -14.61 9.98 16.28
CA THR A 135 -14.55 11.42 16.01
C THR A 135 -15.43 11.81 14.83
N LYS A 136 -15.56 10.90 13.86
CA LYS A 136 -16.33 11.14 12.64
C LYS A 136 -15.67 12.17 11.73
N GLN A 137 -14.46 12.59 12.06
CA GLN A 137 -13.70 13.52 11.23
C GLN A 137 -12.87 12.73 10.22
N LEU A 138 -12.48 13.39 9.12
CA LEU A 138 -11.67 12.74 8.09
C LEU A 138 -10.33 12.28 8.64
N LEU A 139 -9.88 11.10 8.23
CA LEU A 139 -8.57 10.62 8.61
C LEU A 139 -7.48 11.45 7.95
N CYS A 140 -6.37 11.62 8.67
CA CYS A 140 -5.23 12.38 8.18
C CYS A 140 -3.93 11.71 8.57
N GLY A 141 -3.00 11.62 7.62
CA GLY A 141 -1.65 11.19 7.92
C GLY A 141 -0.65 12.30 7.64
N ALA A 142 0.56 12.12 8.13
CA ALA A 142 1.62 13.11 7.93
C ALA A 142 2.98 12.44 8.09
N ALA A 143 3.98 12.97 7.40
CA ALA A 143 5.33 12.46 7.49
C ALA A 143 6.20 13.33 8.40
N ILE A 144 7.12 12.69 9.12
CA ILE A 144 8.15 13.40 9.86
C ILE A 144 9.49 12.68 9.64
N GLY A 145 10.59 13.35 9.96
CA GLY A 145 11.90 12.71 9.97
C GLY A 145 12.14 12.08 11.33
N THR A 146 13.37 11.62 11.58
CA THR A 146 13.69 11.05 12.88
C THR A 146 14.76 11.87 13.61
N ILE A 147 14.82 13.16 13.29
CA ILE A 147 15.72 14.12 13.94
C ILE A 147 15.09 14.58 15.26
N ASP A 148 15.88 15.15 16.14
CA ASP A 148 15.39 15.58 17.46
C ASP A 148 14.24 16.58 17.35
N ALA A 149 14.33 17.47 16.37
CA ALA A 149 13.30 18.49 16.15
C ALA A 149 11.94 17.89 15.82
N ASP A 150 11.93 16.76 15.11
CA ASP A 150 10.67 16.14 14.71
C ASP A 150 9.84 15.66 15.89
N ARG A 151 10.44 15.53 17.06
CA ARG A 151 9.69 15.20 18.27
C ARG A 151 8.71 16.32 18.60
N GLN A 152 9.19 17.57 18.55
CA GLN A 152 8.33 18.71 18.79
C GLN A 152 7.30 18.83 17.66
N ARG A 153 7.76 18.57 16.43
CA ARG A 153 6.87 18.59 15.28
C ARG A 153 5.72 17.61 15.48
N LEU A 154 6.05 16.37 15.84
CA LEU A 154 5.02 15.34 16.00
C LEU A 154 4.02 15.73 17.10
N ALA A 155 4.52 16.32 18.18
CA ALA A 155 3.63 16.74 19.26
C ALA A 155 2.60 17.75 18.74
N MET A 156 3.04 18.64 17.86
CA MET A 156 2.15 19.63 17.27
C MET A 156 1.14 18.99 16.33
N LEU A 157 1.60 18.03 15.53
CA LEU A 157 0.73 17.29 14.63
C LEU A 157 -0.33 16.52 15.42
N VAL A 158 0.07 15.93 16.53
CA VAL A 158 -0.85 15.13 17.33
C VAL A 158 -1.89 16.05 17.95
N GLU A 159 -1.45 17.21 18.41
CA GLU A 159 -2.37 18.20 18.95
C GLU A 159 -3.40 18.62 17.91
N ALA A 160 -3.01 18.60 16.64
CA ALA A 160 -3.90 18.99 15.54
C ALA A 160 -4.85 17.86 15.11
N GLY A 161 -4.65 16.66 15.65
CA GLY A 161 -5.59 15.56 15.44
C GLY A 161 -5.04 14.43 14.58
N LEU A 162 -3.73 14.39 14.38
CA LEU A 162 -3.14 13.37 13.50
C LEU A 162 -3.53 11.94 13.88
N ASP A 163 -3.87 11.13 12.88
CA ASP A 163 -4.25 9.72 13.10
C ASP A 163 -3.09 8.76 12.87
N VAL A 164 -2.20 9.10 11.94
CA VAL A 164 -1.10 8.21 11.57
C VAL A 164 0.10 9.01 11.11
N VAL A 165 1.28 8.63 11.58
CA VAL A 165 2.51 9.30 11.19
C VAL A 165 3.34 8.33 10.38
N VAL A 166 3.98 8.85 9.34
CA VAL A 166 4.91 8.09 8.51
C VAL A 166 6.32 8.60 8.76
N LEU A 167 7.22 7.71 9.17
CA LEU A 167 8.60 8.09 9.39
C LEU A 167 9.32 8.03 8.05
N ASP A 168 9.84 9.17 7.64
CA ASP A 168 10.30 9.42 6.29
C ASP A 168 11.81 9.23 6.21
N SER A 169 12.23 8.09 5.68
CA SER A 169 13.65 7.80 5.50
C SER A 169 13.89 6.91 4.30
N SER A 170 14.99 7.14 3.60
CA SER A 170 15.39 6.32 2.48
C SER A 170 15.75 4.93 3.02
N GLN A 171 16.40 4.90 4.17
CA GLN A 171 16.80 3.67 4.83
C GLN A 171 16.32 3.73 6.27
N GLY A 172 15.13 3.18 6.52
CA GLY A 172 14.49 3.20 7.82
C GLY A 172 15.02 2.35 8.96
N ASN A 173 15.85 1.37 8.65
CA ASN A 173 16.35 0.46 9.66
C ASN A 173 17.59 1.03 10.33
N SER A 174 17.36 2.01 11.20
CA SER A 174 18.41 2.74 11.88
C SER A 174 18.10 2.84 13.37
N VAL A 175 19.13 3.02 14.19
CA VAL A 175 18.91 3.25 15.62
C VAL A 175 18.07 4.49 15.83
N PHE A 176 18.26 5.49 14.96
CA PHE A 176 17.53 6.74 15.08
C PHE A 176 16.03 6.47 14.92
N GLN A 177 15.66 5.71 13.90
CA GLN A 177 14.25 5.46 13.65
C GLN A 177 13.66 4.50 14.68
N ILE A 178 14.43 3.48 15.08
CA ILE A 178 13.99 2.55 16.11
C ILE A 178 13.68 3.30 17.42
N ASN A 179 14.58 4.18 17.82
CA ASN A 179 14.37 5.03 18.98
C ASN A 179 13.11 5.88 18.86
N MET A 180 12.90 6.45 17.67
CA MET A 180 11.74 7.31 17.42
C MET A 180 10.46 6.49 17.53
N ILE A 181 10.46 5.28 16.99
CA ILE A 181 9.29 4.42 17.06
C ILE A 181 8.94 4.14 18.51
N LYS A 182 9.93 3.71 19.29
CA LYS A 182 9.72 3.39 20.70
C LYS A 182 9.21 4.58 21.50
N TRP A 183 9.77 5.76 21.23
CA TRP A 183 9.32 6.97 21.92
C TRP A 183 7.88 7.28 21.59
N ILE A 184 7.52 7.21 20.31
CA ILE A 184 6.15 7.52 19.90
C ILE A 184 5.13 6.58 20.56
N LYS A 185 5.41 5.28 20.53
CA LYS A 185 4.49 4.32 21.08
C LYS A 185 4.26 4.57 22.56
N GLU A 186 5.31 4.99 23.26
CA GLU A 186 5.22 5.27 24.69
C GLU A 186 4.55 6.60 25.00
N THR A 187 4.77 7.59 24.13
CA THR A 187 4.31 8.96 24.36
C THR A 187 2.91 9.24 23.82
N PHE A 188 2.64 8.71 22.64
CA PHE A 188 1.37 8.90 21.93
C PHE A 188 0.77 7.55 21.61
N PRO A 189 0.27 6.86 22.64
CA PRO A 189 -0.21 5.48 22.46
C PRO A 189 -1.32 5.31 21.42
N ASP A 190 -2.13 6.34 21.21
CA ASP A 190 -3.24 6.22 20.28
C ASP A 190 -2.83 6.50 18.83
N LEU A 191 -1.57 6.90 18.63
CA LEU A 191 -1.08 7.22 17.30
C LEU A 191 -0.52 6.00 16.59
N GLN A 192 -0.93 5.81 15.33
CA GLN A 192 -0.43 4.71 14.52
C GLN A 192 0.85 5.14 13.81
N VAL A 193 1.85 4.26 13.82
CA VAL A 193 3.16 4.56 13.25
C VAL A 193 3.50 3.66 12.07
N ILE A 194 3.78 4.28 10.93
CA ILE A 194 4.28 3.56 9.75
C ILE A 194 5.76 3.85 9.62
N ALA A 195 6.57 2.80 9.66
CA ALA A 195 8.01 2.92 9.63
C ALA A 195 8.55 2.56 8.25
N GLY A 196 9.76 3.00 7.96
CA GLY A 196 10.38 2.71 6.67
C GLY A 196 11.31 3.83 6.24
N ASN A 197 11.84 3.76 5.02
CA ASN A 197 11.53 2.69 4.06
C ASN A 197 12.37 1.44 4.28
N VAL A 198 11.79 0.28 3.99
CA VAL A 198 12.48 -1.00 4.04
C VAL A 198 12.34 -1.76 2.70
N VAL A 199 13.31 -2.62 2.42
CA VAL A 199 13.26 -3.47 1.23
C VAL A 199 13.58 -4.94 1.53
N THR A 200 13.94 -5.24 2.78
CA THR A 200 14.30 -6.61 3.15
C THR A 200 13.57 -7.15 4.36
N ARG A 201 13.56 -8.47 4.47
CA ARG A 201 12.91 -9.18 5.57
C ARG A 201 13.55 -8.78 6.89
N GLU A 202 14.87 -8.67 6.90
CA GLU A 202 15.59 -8.29 8.12
C GLU A 202 15.24 -6.88 8.59
N GLN A 203 15.13 -5.94 7.65
CA GLN A 203 14.78 -4.57 8.00
C GLN A 203 13.38 -4.58 8.60
N ALA A 204 12.49 -5.31 7.95
CA ALA A 204 11.12 -5.44 8.42
C ALA A 204 11.05 -5.99 9.84
N ALA A 205 11.84 -7.04 10.13
CA ALA A 205 11.84 -7.65 11.45
C ALA A 205 12.23 -6.65 12.53
N SER A 206 13.25 -5.87 12.21
CA SER A 206 13.79 -4.90 13.14
C SER A 206 12.76 -3.83 13.51
N LEU A 207 12.05 -3.31 12.51
CA LEU A 207 11.11 -2.22 12.76
C LEU A 207 9.79 -2.72 13.34
N ILE A 208 9.41 -3.95 13.02
CA ILE A 208 8.25 -4.60 13.63
C ILE A 208 8.54 -4.83 15.13
N HIS A 209 9.73 -5.32 15.41
CA HIS A 209 10.15 -5.56 16.80
C HIS A 209 10.14 -4.26 17.62
N ALA A 210 10.49 -3.16 16.97
CA ALA A 210 10.51 -1.84 17.60
C ALA A 210 9.12 -1.33 17.95
N GLY A 211 8.11 -1.79 17.21
CA GLY A 211 6.72 -1.46 17.49
C GLY A 211 5.94 -0.83 16.35
N ALA A 212 6.46 -0.89 15.14
CA ALA A 212 5.77 -0.32 13.97
C ALA A 212 4.37 -0.91 13.78
N ASP A 213 3.42 -0.05 13.42
CA ASP A 213 2.05 -0.45 13.12
C ASP A 213 1.85 -0.70 11.63
N GLY A 214 2.88 -0.36 10.84
CA GLY A 214 2.86 -0.55 9.40
C GLY A 214 4.26 -0.30 8.86
N LEU A 215 4.49 -0.75 7.63
CA LEU A 215 5.78 -0.53 6.96
C LEU A 215 5.58 0.09 5.58
N ARG A 216 6.53 0.93 5.22
CA ARG A 216 6.58 1.54 3.89
C ARG A 216 7.74 0.90 3.11
N ILE A 217 7.43 0.35 1.95
CA ILE A 217 8.38 -0.45 1.16
C ILE A 217 8.86 0.27 -0.10
N GLY A 218 10.18 0.37 -0.24
CA GLY A 218 10.76 0.84 -1.50
C GLY A 218 12.10 1.52 -1.33
N MET A 219 13.02 1.22 -2.25
CA MET A 219 14.33 1.87 -2.24
C MET A 219 15.02 1.69 -3.58
N ALA A 232 23.69 2.38 -5.62
CA ALA A 232 24.38 1.20 -5.12
C ALA A 232 23.48 0.31 -4.28
N CYS A 233 22.70 0.95 -3.41
CA CYS A 233 21.88 0.25 -2.44
C CYS A 233 20.41 0.35 -2.81
N GLY A 234 19.72 -0.79 -2.84
CA GLY A 234 18.30 -0.80 -3.14
C GLY A 234 17.80 -2.18 -3.49
N ARG A 235 16.64 -2.25 -4.11
CA ARG A 235 16.07 -3.54 -4.50
C ARG A 235 14.94 -3.37 -5.51
N PRO A 236 14.84 -4.26 -6.49
CA PRO A 236 13.74 -4.17 -7.44
C PRO A 236 12.46 -4.25 -6.61
N GLN A 237 11.49 -3.41 -6.91
CA GLN A 237 10.29 -3.30 -6.10
C GLN A 237 9.40 -4.53 -5.95
N GLY A 238 9.20 -5.30 -7.01
CA GLY A 238 8.36 -6.47 -6.88
C GLY A 238 8.94 -7.44 -5.88
N THR A 239 10.25 -7.66 -5.98
CA THR A 239 10.95 -8.56 -5.08
C THR A 239 10.93 -8.00 -3.66
N ALA A 240 11.14 -6.69 -3.53
CA ALA A 240 11.09 -6.04 -2.21
C ALA A 240 9.71 -6.24 -1.56
N VAL A 241 8.66 -5.94 -2.30
CA VAL A 241 7.32 -6.05 -1.75
C VAL A 241 7.04 -7.48 -1.32
N TYR A 242 7.38 -8.45 -2.16
CA TYR A 242 7.09 -9.84 -1.83
C TYR A 242 7.81 -10.30 -0.57
N ASN A 243 9.12 -10.05 -0.50
CA ASN A 243 9.89 -10.60 0.59
C ASN A 243 9.61 -9.89 1.92
N VAL A 244 9.40 -8.58 1.87
CA VAL A 244 9.00 -7.87 3.10
C VAL A 244 7.63 -8.33 3.59
N THR A 245 6.63 -8.38 2.71
CA THR A 245 5.27 -8.67 3.15
C THR A 245 5.06 -10.13 3.53
N GLN A 246 5.77 -11.02 2.85
CA GLN A 246 5.69 -12.43 3.19
C GLN A 246 6.04 -12.60 4.67
N PHE A 247 6.95 -11.77 5.19
CA PHE A 247 7.30 -11.77 6.61
C PHE A 247 6.31 -10.93 7.41
N ALA A 248 6.11 -9.67 7.02
CA ALA A 248 5.33 -8.73 7.81
C ALA A 248 3.87 -9.15 8.00
N ASN A 249 3.27 -9.71 6.95
CA ASN A 249 1.86 -10.08 7.01
C ASN A 249 1.59 -11.16 8.05
N GLN A 250 2.61 -11.93 8.40
CA GLN A 250 2.50 -12.92 9.46
C GLN A 250 2.30 -12.27 10.82
N PHE A 251 2.77 -11.03 10.96
CA PHE A 251 2.65 -10.28 12.20
C PHE A 251 1.48 -9.31 12.17
N GLY A 252 0.68 -9.36 11.12
CA GLY A 252 -0.45 -8.45 10.98
C GLY A 252 -0.01 -7.01 10.82
N VAL A 253 1.19 -6.81 10.25
CA VAL A 253 1.70 -5.48 9.98
C VAL A 253 1.53 -5.17 8.50
N PRO A 254 0.54 -4.32 8.16
CA PRO A 254 0.27 -4.04 6.75
C PRO A 254 1.34 -3.15 6.14
N CYS A 255 1.63 -3.36 4.87
CA CYS A 255 2.70 -2.63 4.19
C CYS A 255 2.18 -1.80 3.02
N ILE A 256 2.73 -0.59 2.93
CA ILE A 256 2.48 0.31 1.81
C ILE A 256 3.54 0.14 0.75
N ALA A 257 3.13 -0.12 -0.48
CA ALA A 257 4.07 -0.18 -1.60
C ALA A 257 4.36 1.20 -2.13
N ASP A 258 5.61 1.64 -1.99
CA ASP A 258 6.03 2.99 -2.33
C ASP A 258 7.21 2.95 -3.30
N GLY A 259 6.97 2.44 -4.49
CA GLY A 259 7.99 2.33 -5.53
C GLY A 259 7.64 3.15 -6.75
N GLY A 260 6.57 3.93 -6.65
CA GLY A 260 6.18 4.83 -7.72
C GLY A 260 5.35 4.17 -8.81
N VAL A 261 4.22 3.58 -8.41
CA VAL A 261 3.27 3.03 -9.38
C VAL A 261 2.81 4.11 -10.34
N GLN A 262 2.48 3.72 -11.57
CA GLN A 262 2.12 4.65 -12.62
C GLN A 262 0.74 4.35 -13.20
N ASN A 263 0.25 3.13 -12.98
CA ASN A 263 -1.02 2.72 -13.56
C ASN A 263 -1.72 1.61 -12.77
N ILE A 264 -2.92 1.25 -13.21
CA ILE A 264 -3.75 0.26 -12.53
C ILE A 264 -3.04 -1.09 -12.48
N GLY A 265 -2.29 -1.39 -13.53
CA GLY A 265 -1.52 -2.63 -13.57
C GLY A 265 -0.51 -2.71 -12.45
N HIS A 266 0.21 -1.62 -12.23
CA HIS A 266 1.20 -1.58 -11.16
C HIS A 266 0.53 -1.77 -9.81
N ILE A 267 -0.64 -1.14 -9.65
CA ILE A 267 -1.34 -1.19 -8.36
C ILE A 267 -1.82 -2.61 -8.08
N THR A 268 -2.40 -3.25 -9.09
CA THR A 268 -2.88 -4.63 -8.95
C THR A 268 -1.71 -5.56 -8.57
N LYS A 269 -0.58 -5.39 -9.22
CA LYS A 269 0.57 -6.27 -9.00
C LYS A 269 1.22 -6.05 -7.64
N ALA A 270 1.28 -4.80 -7.19
CA ALA A 270 1.82 -4.50 -5.87
C ALA A 270 1.01 -5.23 -4.80
N ILE A 271 -0.31 -5.15 -4.92
CA ILE A 271 -1.20 -5.82 -3.98
C ILE A 271 -1.09 -7.35 -4.14
N ALA A 272 -1.05 -7.83 -5.38
CA ALA A 272 -0.87 -9.26 -5.60
C ALA A 272 0.34 -9.80 -4.83
N LEU A 273 1.43 -9.07 -4.84
CA LEU A 273 2.66 -9.56 -4.24
C LEU A 273 2.69 -9.42 -2.71
N GLY A 274 1.71 -8.74 -2.13
CA GLY A 274 1.63 -8.66 -0.68
C GLY A 274 1.30 -7.32 -0.05
N ALA A 275 1.39 -6.24 -0.84
CA ALA A 275 1.11 -4.91 -0.31
C ALA A 275 -0.35 -4.79 0.12
N SER A 276 -0.60 -4.04 1.18
CA SER A 276 -1.96 -3.81 1.66
C SER A 276 -2.53 -2.51 1.07
N THR A 277 -1.66 -1.52 0.90
CA THR A 277 -2.01 -0.27 0.23
C THR A 277 -0.87 0.13 -0.70
N VAL A 278 -1.15 1.12 -1.55
CA VAL A 278 -0.18 1.59 -2.52
C VAL A 278 -0.07 3.10 -2.44
N MET A 279 1.17 3.57 -2.43
CA MET A 279 1.44 4.99 -2.34
C MET A 279 1.57 5.58 -3.72
N MET A 280 0.86 6.69 -3.95
CA MET A 280 0.86 7.38 -5.22
C MET A 280 1.52 8.75 -5.10
N GLY A 281 2.59 8.93 -5.87
CA GLY A 281 3.33 10.19 -5.88
C GLY A 281 3.16 10.88 -7.21
N GLY A 282 4.10 10.65 -8.11
CA GLY A 282 4.03 11.15 -9.48
C GLY A 282 2.69 10.95 -10.16
N MET A 283 2.02 9.84 -9.85
CA MET A 283 0.70 9.56 -10.42
C MET A 283 -0.30 10.68 -10.17
N LEU A 284 -0.14 11.38 -9.05
CA LEU A 284 -1.12 12.36 -8.61
C LEU A 284 -0.64 13.79 -8.77
N ALA A 285 0.65 13.96 -9.03
CA ALA A 285 1.17 15.28 -9.38
C ALA A 285 0.47 15.70 -10.67
N GLY A 286 0.03 16.95 -10.72
CA GLY A 286 -0.65 17.47 -11.89
C GLY A 286 -2.17 17.44 -11.82
N THR A 287 -2.72 16.79 -10.79
CA THR A 287 -4.16 16.80 -10.60
C THR A 287 -4.58 18.11 -9.96
N THR A 288 -5.88 18.37 -9.94
CA THR A 288 -6.41 19.65 -9.47
C THR A 288 -6.04 19.90 -8.00
N GLU A 289 -6.14 18.86 -7.18
CA GLU A 289 -5.98 19.00 -5.74
C GLU A 289 -4.53 18.93 -5.28
N SER A 290 -3.61 18.62 -6.21
CA SER A 290 -2.19 18.69 -5.89
C SER A 290 -1.77 20.15 -5.80
N PRO A 291 -0.82 20.48 -4.91
CA PRO A 291 -0.39 21.86 -4.69
C PRO A 291 0.47 22.42 -5.82
N ASP A 347 -2.16 18.55 -17.15
CA ASP A 347 -3.21 18.44 -16.15
C ASP A 347 -3.87 17.07 -16.20
N LYS A 348 -3.97 16.43 -15.03
CA LYS A 348 -4.63 15.13 -14.91
C LYS A 348 -6.08 15.27 -14.47
N GLY A 349 -6.53 16.52 -14.33
CA GLY A 349 -7.90 16.79 -13.92
C GLY A 349 -8.08 16.58 -12.43
N SER A 350 -9.32 16.32 -12.03
CA SER A 350 -9.62 16.15 -10.61
C SER A 350 -9.41 14.71 -10.16
N ILE A 351 -8.93 14.60 -8.94
CA ILE A 351 -8.87 13.33 -8.24
C ILE A 351 -10.27 12.77 -8.08
N LYS A 352 -11.24 13.66 -8.02
CA LYS A 352 -12.64 13.29 -7.86
C LYS A 352 -13.11 12.39 -9.01
N LYS A 353 -12.37 12.42 -10.11
CA LYS A 353 -12.65 11.55 -11.25
C LYS A 353 -11.60 10.44 -11.33
N TYR A 354 -10.35 10.79 -11.06
CA TYR A 354 -9.24 9.88 -11.27
C TYR A 354 -9.24 8.70 -10.29
N ILE A 355 -9.51 8.96 -9.01
CA ILE A 355 -9.52 7.88 -8.02
C ILE A 355 -10.67 6.91 -8.31
N PRO A 356 -11.88 7.42 -8.59
CA PRO A 356 -12.93 6.48 -9.02
C PRO A 356 -12.54 5.65 -10.22
N TYR A 357 -11.83 6.25 -11.18
CA TYR A 357 -11.35 5.52 -12.34
C TYR A 357 -10.42 4.39 -11.92
N LEU A 358 -9.51 4.66 -10.98
CA LEU A 358 -8.59 3.64 -10.50
C LEU A 358 -9.31 2.59 -9.67
N TYR A 359 -10.27 3.06 -8.87
CA TYR A 359 -11.06 2.18 -8.03
C TYR A 359 -11.81 1.14 -8.88
N ASN A 360 -12.43 1.61 -9.95
CA ASN A 360 -13.15 0.73 -10.86
C ASN A 360 -12.19 -0.19 -11.61
N GLY A 361 -11.04 0.34 -11.99
CA GLY A 361 -10.03 -0.45 -12.69
C GLY A 361 -9.56 -1.61 -11.84
N LEU A 362 -9.39 -1.38 -10.55
CA LEU A 362 -8.93 -2.40 -9.64
C LEU A 362 -10.04 -3.41 -9.37
N GLN A 363 -11.29 -2.95 -9.33
CA GLN A 363 -12.41 -3.88 -9.24
C GLN A 363 -12.43 -4.84 -10.44
N HIS A 364 -12.22 -4.30 -11.64
CA HIS A 364 -12.18 -5.13 -12.84
C HIS A 364 -10.99 -6.07 -12.87
N SER A 365 -9.85 -5.63 -12.34
CA SER A 365 -8.68 -6.52 -12.24
C SER A 365 -9.01 -7.71 -11.35
N CYS A 366 -9.60 -7.43 -10.19
CA CYS A 366 -9.99 -8.48 -9.26
C CYS A 366 -11.00 -9.41 -9.90
N GLN A 367 -11.95 -8.82 -10.62
CA GLN A 367 -12.96 -9.60 -11.32
C GLN A 367 -12.30 -10.58 -12.29
N ASP A 368 -11.36 -10.08 -13.10
CA ASP A 368 -10.71 -10.93 -14.11
C ASP A 368 -9.91 -12.06 -13.48
N ILE A 369 -9.34 -11.79 -12.31
CA ILE A 369 -8.54 -12.76 -11.59
C ILE A 369 -9.44 -13.76 -10.87
N GLY A 370 -10.67 -13.34 -10.58
CA GLY A 370 -11.66 -14.20 -9.96
C GLY A 370 -11.77 -14.08 -8.45
N VAL A 371 -11.47 -12.90 -7.92
CA VAL A 371 -11.53 -12.67 -6.47
C VAL A 371 -12.47 -11.50 -6.14
N ARG A 372 -13.20 -11.63 -5.02
CA ARG A 372 -14.28 -10.71 -4.67
C ARG A 372 -13.85 -9.61 -3.71
N SER A 373 -12.60 -9.68 -3.25
CA SER A 373 -12.09 -8.66 -2.35
C SER A 373 -10.58 -8.70 -2.34
N LEU A 374 -9.96 -7.66 -1.79
CA LEU A 374 -8.50 -7.64 -1.69
C LEU A 374 -8.05 -8.59 -0.59
N VAL A 375 -8.89 -8.80 0.42
CA VAL A 375 -8.58 -9.81 1.42
C VAL A 375 -8.53 -11.20 0.77
N GLU A 376 -9.52 -11.51 -0.07
CA GLU A 376 -9.55 -12.78 -0.76
C GLU A 376 -8.37 -12.90 -1.72
N PHE A 377 -8.03 -11.78 -2.35
CA PHE A 377 -6.94 -11.74 -3.32
C PHE A 377 -5.64 -12.14 -2.63
N ARG A 378 -5.41 -11.60 -1.45
CA ARG A 378 -4.21 -11.92 -0.69
C ARG A 378 -4.19 -13.40 -0.31
N GLU A 379 -5.32 -13.91 0.14
CA GLU A 379 -5.42 -15.30 0.54
C GLU A 379 -5.19 -16.26 -0.62
N LYS A 380 -5.79 -15.97 -1.76
CA LYS A 380 -5.66 -16.81 -2.95
C LYS A 380 -4.23 -16.84 -3.47
N VAL A 381 -3.58 -15.68 -3.45
CA VAL A 381 -2.21 -15.62 -3.91
C VAL A 381 -1.27 -16.40 -2.99
N ASP A 382 -1.47 -16.27 -1.68
CA ASP A 382 -0.57 -16.92 -0.74
C ASP A 382 -0.77 -18.43 -0.71
N SER A 383 -1.96 -18.90 -1.09
CA SER A 383 -2.25 -20.34 -1.17
C SER A 383 -1.81 -20.97 -2.49
N GLY A 384 -1.41 -20.16 -3.45
CA GLY A 384 -0.99 -20.68 -4.75
C GLY A 384 -2.12 -20.83 -5.77
N SER A 385 -3.31 -20.35 -5.42
CA SER A 385 -4.45 -20.39 -6.32
C SER A 385 -4.32 -19.40 -7.48
N VAL A 386 -3.99 -18.14 -7.16
CA VAL A 386 -3.71 -17.14 -8.18
C VAL A 386 -2.36 -17.45 -8.79
N ARG A 387 -2.30 -17.39 -10.12
CA ARG A 387 -1.11 -17.79 -10.87
C ARG A 387 -0.52 -16.63 -11.64
N PHE A 388 0.75 -16.78 -11.99
CA PHE A 388 1.54 -15.71 -12.57
C PHE A 388 2.34 -16.22 -13.74
N GLU A 389 2.81 -15.30 -14.57
CA GLU A 389 3.73 -15.68 -15.64
C GLU A 389 4.81 -14.61 -15.78
N PHE A 390 6.06 -15.06 -15.83
CA PHE A 390 7.20 -14.18 -16.03
C PHE A 390 7.25 -13.76 -17.48
N ARG A 391 7.52 -12.48 -17.74
CA ARG A 391 7.55 -11.97 -19.11
C ARG A 391 8.97 -11.73 -19.61
N THR A 392 9.27 -12.28 -20.78
CA THR A 392 10.49 -11.96 -21.49
C THR A 392 10.52 -10.49 -21.88
N PRO A 393 11.72 -9.92 -22.08
CA PRO A 393 11.82 -8.53 -22.55
C PRO A 393 11.22 -8.33 -23.94
#